data_4R6D
#
_entry.id   4R6D
#
_cell.length_a   38.198
_cell.length_b   67.656
_cell.length_c   84.271
_cell.angle_alpha   90.00
_cell.angle_beta   90.00
_cell.angle_gamma   90.00
#
_symmetry.space_group_name_H-M   'P 21 21 21'
#
loop_
_entity.id
_entity.type
_entity.pdbx_description
1 polymer 'GFP-like fluorescent chromoprotein cFP484'
2 non-polymer 'COPPER (II) ION'
3 water water
#
_entity_poly.entity_id   1
_entity_poly.type   'polypeptide(L)'
_entity_poly.pdbx_seq_one_letter_code
;SGVIKPDMKIKLKMEGNVNGYAFVIEGEGEGKPYDGTNTINLEVKEGAPLPFSYDILTTAF(PIA)NRAFTKYPDDIPNY
FKQSFPEGYSWERTMTFEDKGIVKVKSDISLEEDSFIYEIYLKGENFPPNGPVMQKKTTGWDASTERMYVRDGVLKGDVK
HKLLLEGGGYYRVDFKTIYRAKKAVKLPDYHFVDHRIECLNHDKDHNKVTVYESAVARN
;
_entity_poly.pdbx_strand_id   A
#
loop_
_chem_comp.id
_chem_comp.type
_chem_comp.name
_chem_comp.formula
CU non-polymer 'COPPER (II) ION' 'Cu 2'
#
# COMPACT_ATOMS: atom_id res chain seq x y z
N GLY A 2 -18.96 -11.38 -13.57
CA GLY A 2 -18.53 -10.05 -13.09
C GLY A 2 -17.11 -9.71 -13.51
N VAL A 3 -16.71 -8.45 -13.32
CA VAL A 3 -15.42 -8.04 -13.84
C VAL A 3 -14.30 -8.36 -12.84
N ILE A 4 -14.63 -8.46 -11.55
CA ILE A 4 -13.63 -8.88 -10.56
C ILE A 4 -13.71 -10.40 -10.37
N LYS A 5 -12.75 -11.11 -10.95
CA LYS A 5 -12.72 -12.55 -10.93
C LYS A 5 -12.09 -13.06 -9.62
N PRO A 6 -12.31 -14.34 -9.28
CA PRO A 6 -11.70 -14.95 -8.07
C PRO A 6 -10.17 -14.92 -8.04
N ASP A 7 -9.56 -14.99 -9.21
CA ASP A 7 -8.11 -14.91 -9.36
C ASP A 7 -7.84 -13.74 -10.29
N MET A 8 -7.09 -12.75 -9.81
N MET A 8 -7.01 -12.80 -9.85
CA MET A 8 -6.70 -11.58 -10.62
CA MET A 8 -6.67 -11.64 -10.65
C MET A 8 -5.20 -11.43 -10.58
C MET A 8 -5.22 -11.28 -10.51
N LYS A 9 -4.66 -10.80 -11.62
CA LYS A 9 -3.24 -10.53 -11.70
C LYS A 9 -2.96 -9.08 -11.40
N ILE A 10 -1.68 -8.77 -11.26
CA ILE A 10 -1.22 -7.43 -10.86
C ILE A 10 0.02 -7.06 -11.71
N LYS A 11 0.00 -5.85 -12.26
CA LYS A 11 1.19 -5.19 -12.81
C LYS A 11 1.29 -3.80 -12.24
N LEU A 12 2.52 -3.39 -11.89
CA LEU A 12 2.68 -2.04 -11.37
C LEU A 12 3.98 -1.40 -11.75
N LYS A 13 3.98 -0.08 -11.66
CA LYS A 13 5.18 0.74 -11.79
C LYS A 13 5.12 1.84 -10.77
N MET A 14 6.20 2.02 -10.02
CA MET A 14 6.37 3.11 -9.08
C MET A 14 7.54 3.97 -9.54
N GLU A 15 7.29 5.28 -9.61
CA GLU A 15 8.33 6.28 -9.75
C GLU A 15 8.39 7.01 -8.46
N GLY A 16 9.56 7.04 -7.85
CA GLY A 16 9.70 7.59 -6.52
C GLY A 16 10.92 8.45 -6.32
N ASN A 17 10.90 9.21 -5.24
CA ASN A 17 12.01 10.04 -4.85
C ASN A 17 11.94 10.15 -3.34
N VAL A 18 13.01 9.74 -2.66
CA VAL A 18 13.08 9.79 -1.19
C VAL A 18 14.35 10.56 -0.79
N ASN A 19 14.17 11.68 -0.08
CA ASN A 19 15.29 12.56 0.28
C ASN A 19 16.13 12.93 -0.94
N GLY A 20 15.47 13.08 -2.09
CA GLY A 20 16.14 13.45 -3.33
C GLY A 20 16.60 12.28 -4.20
N TYR A 21 16.64 11.07 -3.63
CA TYR A 21 17.12 9.88 -4.39
C TYR A 21 15.99 9.35 -5.23
N ALA A 22 16.20 9.29 -6.55
CA ALA A 22 15.16 8.87 -7.47
C ALA A 22 15.30 7.40 -7.81
N PHE A 23 14.17 6.76 -8.05
CA PHE A 23 14.16 5.35 -8.41
C PHE A 23 12.88 4.98 -9.14
N VAL A 24 12.95 3.83 -9.82
CA VAL A 24 11.80 3.20 -10.47
C VAL A 24 11.77 1.74 -10.07
N ILE A 25 10.58 1.29 -9.70
CA ILE A 25 10.35 -0.12 -9.36
C ILE A 25 9.18 -0.63 -10.22
N GLU A 26 9.32 -1.83 -10.75
CA GLU A 26 8.21 -2.51 -11.42
C GLU A 26 7.87 -3.81 -10.68
N GLY A 27 6.62 -4.22 -10.76
CA GLY A 27 6.13 -5.37 -10.03
C GLY A 27 5.14 -6.17 -10.87
N GLU A 28 5.10 -7.47 -10.62
CA GLU A 28 4.12 -8.38 -11.20
C GLU A 28 3.68 -9.32 -10.09
N GLY A 29 2.38 -9.60 -10.03
CA GLY A 29 1.89 -10.48 -8.99
C GLY A 29 0.50 -10.98 -9.27
N GLU A 30 -0.18 -11.41 -8.22
CA GLU A 30 -1.51 -11.99 -8.36
C GLU A 30 -2.15 -12.05 -7.00
N GLY A 31 -3.46 -12.22 -6.99
CA GLY A 31 -4.16 -12.35 -5.76
C GLY A 31 -5.55 -12.91 -5.93
N LYS A 32 -6.22 -13.02 -4.80
CA LYS A 32 -7.57 -13.56 -4.69
C LYS A 32 -8.41 -12.45 -4.08
N PRO A 33 -9.09 -11.68 -4.93
CA PRO A 33 -9.72 -10.48 -4.39
C PRO A 33 -10.73 -10.74 -3.28
N TYR A 34 -11.49 -11.83 -3.35
CA TYR A 34 -12.54 -12.11 -2.35
C TYR A 34 -11.99 -12.75 -1.09
N ASP A 35 -10.81 -13.34 -1.18
CA ASP A 35 -10.09 -13.90 0.00
C ASP A 35 -9.30 -12.81 0.74
N GLY A 36 -9.09 -11.68 0.09
CA GLY A 36 -8.29 -10.60 0.65
C GLY A 36 -6.81 -10.87 0.70
N THR A 37 -6.28 -11.62 -0.27
CA THR A 37 -4.85 -11.95 -0.32
C THR A 37 -4.25 -11.52 -1.65
N ASN A 38 -3.00 -11.06 -1.59
CA ASN A 38 -2.24 -10.76 -2.80
C ASN A 38 -0.75 -10.82 -2.55
N THR A 39 -0.01 -11.10 -3.61
CA THR A 39 1.45 -11.11 -3.55
C THR A 39 2.01 -10.42 -4.77
N ILE A 40 3.13 -9.72 -4.61
CA ILE A 40 3.76 -8.99 -5.71
C ILE A 40 5.27 -9.21 -5.63
N ASN A 41 5.86 -9.53 -6.78
CA ASN A 41 7.29 -9.59 -6.96
C ASN A 41 7.78 -8.29 -7.57
N LEU A 42 8.67 -7.62 -6.85
CA LEU A 42 9.16 -6.28 -7.18
C LEU A 42 10.61 -6.32 -7.60
N GLU A 43 10.95 -5.53 -8.61
CA GLU A 43 12.33 -5.37 -9.05
C GLU A 43 12.66 -3.89 -9.20
N VAL A 44 13.79 -3.46 -8.64
CA VAL A 44 14.26 -2.11 -8.85
C VAL A 44 14.85 -2.02 -10.26
N LYS A 45 14.34 -1.09 -11.06
CA LYS A 45 14.76 -0.93 -12.46
C LYS A 45 15.74 0.23 -12.63
N GLU A 46 15.61 1.25 -11.78
CA GLU A 46 16.49 2.41 -11.78
C GLU A 46 16.72 2.81 -10.35
N GLY A 47 17.95 3.21 -10.02
CA GLY A 47 18.25 3.67 -8.67
C GLY A 47 18.83 2.64 -7.71
N ALA A 48 19.06 1.41 -8.19
CA ALA A 48 19.63 0.37 -7.34
C ALA A 48 21.11 0.61 -7.07
N PRO A 49 21.60 0.25 -5.87
CA PRO A 49 20.83 -0.24 -4.72
C PRO A 49 20.18 0.93 -4.00
N LEU A 50 18.92 0.76 -3.61
CA LEU A 50 18.19 1.85 -2.95
C LEU A 50 18.90 2.25 -1.65
N PRO A 51 19.16 3.56 -1.48
CA PRO A 51 19.89 4.03 -0.30
C PRO A 51 18.98 4.40 0.88
N PHE A 52 17.84 3.72 1.03
CA PHE A 52 16.93 3.98 2.14
C PHE A 52 16.09 2.74 2.39
N SER A 53 15.34 2.77 3.49
CA SER A 53 14.51 1.64 3.89
C SER A 53 13.41 1.29 2.88
N TYR A 54 13.38 0.03 2.46
CA TYR A 54 12.40 -0.43 1.49
C TYR A 54 11.01 -0.47 2.10
N ASP A 55 10.94 -0.57 3.43
CA ASP A 55 9.67 -0.65 4.12
C ASP A 55 8.79 0.59 3.93
N ILE A 56 9.36 1.75 3.63
CA ILE A 56 8.51 2.90 3.39
C ILE A 56 7.82 2.84 2.03
N LEU A 57 8.14 1.82 1.22
CA LEU A 57 7.52 1.60 -0.11
C LEU A 57 6.43 0.50 -0.16
N THR A 58 6.47 -0.44 0.78
CA THR A 58 5.76 -1.70 0.58
C THR A 58 4.25 -1.57 0.66
N THR A 59 3.73 -0.69 1.52
CA THR A 59 2.28 -0.52 1.58
C THR A 59 1.73 0.22 0.36
N ALA A 60 2.59 0.83 -0.43
CA ALA A 60 2.15 1.40 -1.70
C ALA A 60 1.94 0.32 -2.76
N PHE A 61 2.71 -0.78 -2.67
CA PHE A 61 2.56 -1.91 -3.57
C PHE A 61 1.35 -2.76 -3.23
N1 PIA A 62 0.93 -2.84 -1.76
CA1 PIA A 62 -0.22 -3.58 -1.33
CB1 PIA A 62 0.29 -4.78 -0.54
C1 PIA A 62 -0.96 -2.56 -0.57
N2 PIA A 62 -1.04 -2.57 0.79
N3 PIA A 62 -1.63 -1.50 -1.15
C2 PIA A 62 -2.13 -0.81 -0.15
O2 PIA A 62 -2.83 0.25 -0.21
CA2 PIA A 62 -1.74 -1.47 1.09
CA3 PIA A 62 -1.66 -1.10 -2.54
C3 PIA A 62 -2.95 -0.91 -3.27
O3 PIA A 62 -3.07 -0.15 -4.24
CB2 PIA A 62 -2.17 -0.98 2.37
CG2 PIA A 62 -1.74 -1.55 3.65
CD1 PIA A 62 -1.01 -2.71 3.85
CD2 PIA A 62 -1.99 -0.71 4.73
CE1 PIA A 62 -0.61 -3.06 5.15
CE2 PIA A 62 -1.61 -1.08 6.02
CZ PIA A 62 -0.92 -2.25 6.23
OH PIA A 62 -0.53 -2.58 7.49
N ASN A 63 -3.87 -2.11 -2.84
CA ASN A 63 -5.07 -2.05 -3.70
C ASN A 63 -6.12 -2.78 -2.90
N ARG A 64 -7.01 -2.01 -2.32
CA ARG A 64 -8.07 -2.53 -1.49
C ARG A 64 -9.12 -3.37 -2.24
N ALA A 65 -8.99 -3.54 -3.57
CA ALA A 65 -9.81 -4.56 -4.25
C ALA A 65 -9.47 -5.97 -3.66
N PHE A 66 -8.24 -6.12 -3.17
CA PHE A 66 -7.85 -7.33 -2.46
C PHE A 66 -8.15 -7.21 -0.98
N THR A 67 -9.43 -7.26 -0.65
CA THR A 67 -9.91 -7.24 0.74
C THR A 67 -11.11 -8.17 0.84
N LYS A 68 -11.12 -9.05 1.83
CA LYS A 68 -12.30 -9.87 2.14
C LYS A 68 -13.32 -8.99 2.85
N TYR A 69 -14.51 -8.87 2.26
CA TYR A 69 -15.59 -8.04 2.78
C TYR A 69 -16.78 -8.91 3.12
N PRO A 70 -17.32 -8.78 4.34
CA PRO A 70 -18.63 -9.38 4.60
C PRO A 70 -19.70 -8.81 3.66
N ASP A 71 -20.71 -9.63 3.39
CA ASP A 71 -21.77 -9.29 2.43
C ASP A 71 -22.52 -8.01 2.82
N ASP A 72 -22.60 -7.73 4.12
CA ASP A 72 -23.41 -6.62 4.60
C ASP A 72 -22.66 -5.29 4.69
N ILE A 73 -21.41 -5.25 4.30
CA ILE A 73 -20.67 -3.99 4.16
C ILE A 73 -20.42 -3.72 2.69
N PRO A 74 -21.01 -2.65 2.13
CA PRO A 74 -20.78 -2.26 0.76
C PRO A 74 -19.29 -2.16 0.46
N ASN A 75 -18.87 -2.73 -0.66
CA ASN A 75 -17.46 -2.78 -1.01
C ASN A 75 -17.14 -1.65 -1.96
N TYR A 76 -16.61 -0.57 -1.42
CA TYR A 76 -16.30 0.64 -2.18
C TYR A 76 -15.41 0.34 -3.39
N PHE A 77 -14.43 -0.52 -3.16
CA PHE A 77 -13.38 -0.80 -4.10
C PHE A 77 -13.84 -1.70 -5.23
N LYS A 78 -14.50 -2.82 -4.91
CA LYS A 78 -14.91 -3.73 -5.98
C LYS A 78 -15.99 -3.12 -6.85
N GLN A 79 -16.86 -2.31 -6.25
CA GLN A 79 -17.93 -1.66 -7.01
C GLN A 79 -17.42 -0.66 -8.03
N SER A 80 -16.22 -0.14 -7.80
CA SER A 80 -15.67 0.94 -8.63
C SER A 80 -15.25 0.44 -10.01
N PHE A 81 -15.08 -0.88 -10.15
CA PHE A 81 -14.65 -1.45 -11.41
C PHE A 81 -15.85 -1.71 -12.33
N PRO A 82 -15.62 -1.71 -13.66
CA PRO A 82 -14.33 -1.68 -14.36
C PRO A 82 -13.59 -0.34 -14.41
N GLU A 83 -14.28 0.74 -14.08
CA GLU A 83 -13.68 2.07 -14.22
C GLU A 83 -12.48 2.28 -13.30
N GLY A 84 -12.61 1.81 -12.06
CA GLY A 84 -11.51 1.83 -11.13
C GLY A 84 -11.57 2.95 -10.13
N TYR A 85 -10.43 3.16 -9.49
CA TYR A 85 -10.32 4.15 -8.45
C TYR A 85 -8.86 4.58 -8.31
N SER A 86 -8.65 5.65 -7.56
CA SER A 86 -7.31 6.10 -7.26
C SER A 86 -7.24 6.39 -5.78
N TRP A 87 -6.03 6.46 -5.24
CA TRP A 87 -5.88 6.81 -3.84
C TRP A 87 -4.68 7.74 -3.63
N GLU A 88 -4.74 8.49 -2.54
CA GLU A 88 -3.75 9.49 -2.16
C GLU A 88 -3.48 9.28 -0.69
N ARG A 89 -2.23 9.17 -0.29
CA ARG A 89 -1.89 8.82 1.09
C ARG A 89 -0.76 9.68 1.62
N THR A 90 -0.85 10.03 2.89
CA THR A 90 0.23 10.69 3.59
CA THR A 90 0.25 10.67 3.59
C THR A 90 0.62 9.79 4.77
N MET A 91 1.91 9.55 4.94
CA MET A 91 2.45 8.79 6.06
C MET A 91 3.34 9.76 6.82
N THR A 92 3.00 10.05 8.07
N THR A 92 2.98 10.06 8.06
CA THR A 92 3.75 10.99 8.87
CA THR A 92 3.73 10.98 8.90
C THR A 92 4.48 10.21 9.96
C THR A 92 4.48 10.19 9.96
N PHE A 93 5.81 10.34 9.97
CA PHE A 93 6.66 9.53 10.83
C PHE A 93 6.97 10.34 12.09
N GLU A 94 7.25 9.64 13.18
CA GLU A 94 7.36 10.35 14.46
C GLU A 94 8.58 11.28 14.51
N ASP A 95 9.57 11.04 13.66
CA ASP A 95 10.73 11.93 13.53
C ASP A 95 10.61 13.03 12.44
N LYS A 96 9.39 13.23 11.92
CA LYS A 96 9.04 14.33 11.00
C LYS A 96 9.33 14.03 9.52
N GLY A 97 9.87 12.85 9.25
CA GLY A 97 9.87 12.32 7.89
C GLY A 97 8.44 12.22 7.40
N ILE A 98 8.25 12.33 6.09
CA ILE A 98 6.93 12.28 5.51
C ILE A 98 6.98 11.61 4.14
N VAL A 99 6.01 10.75 3.86
CA VAL A 99 5.86 10.16 2.54
C VAL A 99 4.47 10.53 2.03
N LYS A 100 4.42 11.06 0.80
CA LYS A 100 3.17 11.29 0.09
C LYS A 100 3.18 10.37 -1.11
N VAL A 101 2.14 9.59 -1.27
CA VAL A 101 2.11 8.66 -2.37
C VAL A 101 0.71 8.66 -2.96
N LYS A 102 0.64 8.54 -4.28
CA LYS A 102 -0.60 8.39 -5.00
C LYS A 102 -0.54 7.23 -5.95
N SER A 103 -1.69 6.60 -6.16
CA SER A 103 -1.77 5.47 -7.05
C SER A 103 -3.07 5.51 -7.82
N ASP A 104 -2.97 5.19 -9.10
CA ASP A 104 -4.12 4.98 -9.96
C ASP A 104 -4.24 3.49 -10.25
N ILE A 105 -5.42 2.95 -9.92
CA ILE A 105 -5.70 1.52 -10.09
C ILE A 105 -6.72 1.32 -11.25
N SER A 106 -6.28 0.62 -12.28
CA SER A 106 -7.10 0.36 -13.46
C SER A 106 -7.13 -1.14 -13.70
N LEU A 107 -7.96 -1.54 -14.64
CA LEU A 107 -8.17 -2.94 -14.91
C LEU A 107 -8.06 -3.16 -16.41
N GLU A 108 -7.17 -4.08 -16.81
CA GLU A 108 -6.98 -4.53 -18.19
C GLU A 108 -7.18 -6.03 -18.19
N GLU A 109 -8.27 -6.50 -18.80
CA GLU A 109 -8.57 -7.94 -18.85
C GLU A 109 -8.62 -8.44 -17.41
N ASP A 110 -7.78 -9.42 -17.04
CA ASP A 110 -7.81 -9.97 -15.68
C ASP A 110 -6.69 -9.45 -14.80
N SER A 111 -6.11 -8.30 -15.18
CA SER A 111 -4.99 -7.70 -14.44
C SER A 111 -5.31 -6.30 -13.94
N PHE A 112 -5.13 -6.08 -12.63
CA PHE A 112 -5.06 -4.73 -12.13
C PHE A 112 -3.72 -4.12 -12.53
N ILE A 113 -3.75 -2.84 -12.86
CA ILE A 113 -2.57 -2.06 -13.24
C ILE A 113 -2.46 -0.89 -12.28
N TYR A 114 -1.31 -0.76 -11.61
CA TYR A 114 -1.11 0.37 -10.69
C TYR A 114 -0.04 1.29 -11.26
N GLU A 115 -0.34 2.57 -11.29
CA GLU A 115 0.57 3.64 -11.66
C GLU A 115 0.78 4.48 -10.38
N ILE A 116 1.95 4.31 -9.77
CA ILE A 116 2.24 4.84 -8.46
C ILE A 116 3.33 5.93 -8.52
N TYR A 117 3.12 7.02 -7.79
CA TYR A 117 4.14 8.08 -7.63
C TYR A 117 4.33 8.31 -6.14
N LEU A 118 5.57 8.32 -5.67
CA LEU A 118 5.88 8.41 -4.23
C LEU A 118 6.98 9.45 -4.00
N LYS A 119 6.76 10.33 -3.03
CA LYS A 119 7.78 11.28 -2.62
C LYS A 119 7.96 11.20 -1.11
N GLY A 120 9.18 10.86 -0.69
CA GLY A 120 9.56 10.87 0.71
C GLY A 120 10.50 12.03 0.96
N GLU A 121 10.31 12.73 2.08
CA GLU A 121 11.19 13.85 2.41
C GLU A 121 11.31 14.11 3.89
N ASN A 122 12.33 14.88 4.24
CA ASN A 122 12.60 15.30 5.60
C ASN A 122 12.97 14.16 6.53
N PHE A 123 13.48 13.06 5.98
CA PHE A 123 13.99 11.99 6.84
C PHE A 123 15.37 12.38 7.39
N PRO A 124 15.55 12.29 8.72
CA PRO A 124 16.85 12.55 9.33
C PRO A 124 17.93 11.75 8.63
N PRO A 125 19.04 12.39 8.25
CA PRO A 125 20.03 11.65 7.48
C PRO A 125 20.59 10.41 8.17
N ASN A 126 20.65 10.43 9.51
CA ASN A 126 21.13 9.28 10.28
C ASN A 126 20.02 8.52 11.00
N GLY A 127 18.77 8.79 10.64
CA GLY A 127 17.63 8.05 11.18
C GLY A 127 17.50 6.65 10.58
N PRO A 128 16.62 5.83 11.17
CA PRO A 128 16.50 4.44 10.73
C PRO A 128 16.01 4.26 9.30
N VAL A 129 15.27 5.22 8.77
CA VAL A 129 14.83 5.10 7.37
C VAL A 129 16.02 5.26 6.42
N MET A 130 16.75 6.36 6.52
CA MET A 130 17.88 6.58 5.62
C MET A 130 19.04 5.61 5.88
N GLN A 131 19.12 5.08 7.10
CA GLN A 131 20.18 4.12 7.44
C GLN A 131 19.78 2.64 7.26
N LYS A 132 18.57 2.38 6.76
CA LYS A 132 18.10 1.01 6.48
C LYS A 132 18.10 0.12 7.75
N LYS A 133 17.47 0.61 8.81
CA LYS A 133 17.44 -0.10 10.09
C LYS A 133 16.05 -0.62 10.45
N THR A 134 15.16 -0.70 9.46
CA THR A 134 13.79 -1.19 9.68
C THR A 134 13.65 -2.68 9.29
N THR A 135 12.67 -3.36 9.88
CA THR A 135 12.42 -4.80 9.63
C THR A 135 10.93 -5.11 9.42
N GLY A 136 10.24 -4.23 8.71
CA GLY A 136 8.86 -4.49 8.35
C GLY A 136 7.86 -3.73 9.17
N TRP A 137 6.58 -4.00 8.92
CA TRP A 137 5.46 -3.35 9.59
C TRP A 137 4.81 -4.31 10.55
N ASP A 138 4.28 -3.81 11.64
CA ASP A 138 3.39 -4.60 12.47
C ASP A 138 2.12 -4.94 11.65
N ALA A 139 1.34 -5.91 12.10
CA ALA A 139 -0.02 -6.04 11.59
C ALA A 139 -0.77 -4.78 12.03
N SER A 140 -1.84 -4.43 11.34
CA SER A 140 -2.50 -3.15 11.54
C SER A 140 -4.00 -3.23 11.37
N THR A 141 -4.66 -2.18 11.86
CA THR A 141 -6.10 -1.99 11.70
C THR A 141 -6.31 -0.61 11.11
N GLU A 142 -6.94 -0.58 9.93
CA GLU A 142 -7.31 0.66 9.23
C GLU A 142 -8.78 0.96 9.47
N ARG A 143 -9.06 2.14 9.98
CA ARG A 143 -10.42 2.63 10.16
C ARG A 143 -10.90 3.29 8.85
N MET A 144 -11.97 2.73 8.28
CA MET A 144 -12.55 3.23 7.02
C MET A 144 -13.82 4.01 7.32
N TYR A 145 -13.98 5.16 6.69
CA TYR A 145 -15.14 6.02 6.93
C TYR A 145 -15.32 6.98 5.76
N VAL A 146 -16.56 7.29 5.46
CA VAL A 146 -16.90 8.20 4.38
C VAL A 146 -16.86 9.64 4.90
N ARG A 147 -16.18 10.49 4.15
CA ARG A 147 -16.10 11.92 4.43
C ARG A 147 -16.01 12.63 3.10
N ASP A 148 -16.77 13.70 2.93
CA ASP A 148 -16.76 14.49 1.70
C ASP A 148 -16.98 13.63 0.44
N GLY A 149 -17.91 12.68 0.55
CA GLY A 149 -18.33 11.85 -0.58
C GLY A 149 -17.40 10.75 -1.04
N VAL A 150 -16.26 10.57 -0.33
CA VAL A 150 -15.25 9.57 -0.68
C VAL A 150 -14.90 8.75 0.55
N LEU A 151 -14.11 7.71 0.39
CA LEU A 151 -13.78 6.85 1.53
C LEU A 151 -12.38 7.19 2.02
N LYS A 152 -12.26 7.38 3.34
CA LYS A 152 -10.99 7.66 3.96
C LYS A 152 -10.60 6.50 4.83
N GLY A 153 -9.29 6.32 4.97
CA GLY A 153 -8.76 5.32 5.89
C GLY A 153 -7.64 5.87 6.72
N ASP A 154 -7.66 5.58 8.02
CA ASP A 154 -6.64 6.04 8.97
C ASP A 154 -6.01 4.82 9.65
N VAL A 155 -4.68 4.84 9.78
CA VAL A 155 -3.95 3.82 10.55
C VAL A 155 -2.97 4.51 11.49
N LYS A 156 -2.95 4.04 12.74
CA LYS A 156 -1.88 4.36 13.68
C LYS A 156 -0.93 3.17 13.60
N HIS A 157 0.12 3.32 12.80
CA HIS A 157 0.96 2.19 12.42
C HIS A 157 2.29 2.19 13.16
N LYS A 158 2.98 1.06 13.08
CA LYS A 158 4.27 0.85 13.69
C LYS A 158 5.21 0.23 12.69
N LEU A 159 6.33 0.91 12.43
CA LEU A 159 7.41 0.44 11.61
C LEU A 159 8.46 -0.15 12.52
N LEU A 160 8.68 -1.45 12.37
CA LEU A 160 9.55 -2.20 13.26
C LEU A 160 11.02 -1.90 12.98
N LEU A 161 11.81 -1.86 14.06
CA LEU A 161 13.23 -1.52 13.98
C LEU A 161 14.08 -2.73 14.32
N GLU A 162 15.16 -2.90 13.56
CA GLU A 162 16.03 -4.05 13.76
C GLU A 162 16.58 -4.01 15.17
N GLY A 163 16.59 -5.17 15.82
CA GLY A 163 17.09 -5.27 17.19
C GLY A 163 16.06 -4.92 18.25
N GLY A 164 15.32 -3.81 18.07
CA GLY A 164 14.27 -3.50 19.03
C GLY A 164 13.33 -2.34 18.76
N GLY A 165 12.06 -2.54 19.10
CA GLY A 165 11.09 -1.47 19.13
C GLY A 165 10.61 -1.05 17.76
N TYR A 166 10.07 0.15 17.67
CA TYR A 166 9.43 0.61 16.43
C TYR A 166 9.35 2.12 16.40
N TYR A 167 9.05 2.64 15.21
CA TYR A 167 8.69 4.03 14.98
C TYR A 167 7.20 4.13 14.68
N ARG A 168 6.53 5.09 15.31
CA ARG A 168 5.12 5.35 15.02
C ARG A 168 5.00 6.06 13.67
N VAL A 169 4.02 5.64 12.88
CA VAL A 169 3.76 6.26 11.59
C VAL A 169 2.26 6.35 11.41
N ASP A 170 1.74 7.57 11.21
CA ASP A 170 0.31 7.74 10.98
C ASP A 170 0.03 7.73 9.48
N PHE A 171 -0.90 6.88 9.06
CA PHE A 171 -1.40 6.86 7.68
C PHE A 171 -2.75 7.56 7.58
N LYS A 172 -2.89 8.42 6.58
CA LYS A 172 -4.17 8.99 6.19
C LYS A 172 -4.29 8.78 4.68
N THR A 173 -5.31 8.04 4.26
CA THR A 173 -5.50 7.74 2.84
C THR A 173 -6.89 8.20 2.40
N ILE A 174 -6.95 8.76 1.19
CA ILE A 174 -8.21 9.10 0.56
C ILE A 174 -8.37 8.21 -0.66
N TYR A 175 -9.46 7.45 -0.72
CA TYR A 175 -9.75 6.50 -1.79
C TYR A 175 -10.92 7.10 -2.57
N ARG A 176 -10.78 7.20 -3.89
CA ARG A 176 -11.73 7.93 -4.75
C ARG A 176 -12.16 7.05 -5.92
N ALA A 177 -13.36 6.49 -5.84
CA ALA A 177 -13.95 5.76 -6.94
C ALA A 177 -14.21 6.70 -8.15
N LYS A 178 -14.01 6.17 -9.34
CA LYS A 178 -14.21 6.93 -10.58
C LYS A 178 -15.66 6.96 -11.07
N LYS A 179 -16.56 6.35 -10.31
CA LYS A 179 -18.00 6.55 -10.53
C LYS A 179 -18.71 6.45 -9.17
N ALA A 180 -20.00 6.76 -9.18
CA ALA A 180 -20.81 6.64 -7.99
C ALA A 180 -20.93 5.17 -7.61
N VAL A 181 -20.70 4.88 -6.34
CA VAL A 181 -20.88 3.55 -5.78
C VAL A 181 -21.69 3.65 -4.49
N LYS A 182 -22.26 2.55 -4.04
CA LYS A 182 -22.97 2.53 -2.76
C LYS A 182 -21.93 2.68 -1.65
N LEU A 183 -22.14 3.66 -0.78
CA LEU A 183 -21.16 4.00 0.25
C LEU A 183 -21.35 3.18 1.52
N PRO A 184 -20.25 2.71 2.11
CA PRO A 184 -20.34 1.93 3.34
C PRO A 184 -20.45 2.81 4.58
N ASP A 185 -20.96 2.22 5.65
CA ASP A 185 -20.86 2.83 6.98
C ASP A 185 -19.44 2.59 7.48
N TYR A 186 -19.05 3.19 8.59
CA TYR A 186 -17.67 3.03 9.05
C TYR A 186 -17.39 1.56 9.41
N HIS A 187 -16.15 1.15 9.21
CA HIS A 187 -15.73 -0.23 9.41
C HIS A 187 -14.23 -0.28 9.52
N PHE A 188 -13.69 -1.49 9.65
CA PHE A 188 -12.29 -1.67 9.88
C PHE A 188 -11.79 -2.63 8.86
N VAL A 189 -10.54 -2.43 8.46
CA VAL A 189 -9.82 -3.42 7.67
C VAL A 189 -8.56 -3.80 8.44
N ASP A 190 -8.43 -5.10 8.74
CA ASP A 190 -7.26 -5.64 9.41
C ASP A 190 -6.27 -6.12 8.34
N HIS A 191 -5.05 -5.59 8.40
CA HIS A 191 -3.98 -5.90 7.46
C HIS A 191 -2.86 -6.69 8.08
N ARG A 192 -2.20 -7.51 7.26
CA ARG A 192 -0.89 -8.05 7.59
C ARG A 192 -0.03 -8.06 6.34
N ILE A 193 0.94 -7.15 6.30
CA ILE A 193 1.90 -7.12 5.19
C ILE A 193 3.22 -7.72 5.61
N GLU A 194 3.74 -8.58 4.74
CA GLU A 194 4.98 -9.34 5.02
C GLU A 194 5.84 -9.41 3.78
N CYS A 195 7.11 -9.71 3.98
CA CYS A 195 8.05 -9.89 2.89
C CYS A 195 8.67 -11.29 3.03
N LEU A 196 8.97 -11.92 1.90
CA LEU A 196 9.91 -13.05 1.94
C LEU A 196 11.30 -12.51 2.26
N ASN A 197 12.12 -13.36 2.88
CA ASN A 197 13.49 -13.00 3.22
C ASN A 197 14.21 -12.51 1.95
N HIS A 198 14.98 -11.42 2.07
CA HIS A 198 15.60 -10.82 0.89
C HIS A 198 16.98 -10.29 1.21
N ASP A 199 17.79 -10.10 0.18
CA ASP A 199 19.12 -9.51 0.33
C ASP A 199 18.97 -8.06 0.79
N LYS A 200 19.96 -7.58 1.54
CA LYS A 200 19.92 -6.21 2.02
C LYS A 200 19.95 -5.17 0.90
N ASP A 201 20.34 -5.54 -0.32
CA ASP A 201 20.28 -4.59 -1.45
C ASP A 201 18.85 -4.29 -1.89
N HIS A 202 17.94 -5.22 -1.61
CA HIS A 202 16.50 -5.06 -1.93
C HIS A 202 16.20 -4.90 -3.42
N ASN A 203 17.08 -5.40 -4.28
CA ASN A 203 16.87 -5.27 -5.70
C ASN A 203 15.65 -6.09 -6.14
N LYS A 204 15.45 -7.25 -5.51
CA LYS A 204 14.28 -8.10 -5.73
C LYS A 204 13.63 -8.43 -4.39
N VAL A 205 12.36 -8.08 -4.24
CA VAL A 205 11.61 -8.31 -3.01
C VAL A 205 10.23 -8.86 -3.37
N THR A 206 9.77 -9.84 -2.60
CA THR A 206 8.40 -10.34 -2.74
C THR A 206 7.60 -9.92 -1.51
N VAL A 207 6.51 -9.19 -1.76
CA VAL A 207 5.57 -8.75 -0.72
C VAL A 207 4.30 -9.60 -0.74
N TYR A 208 3.76 -9.88 0.45
CA TYR A 208 2.47 -10.56 0.63
C TYR A 208 1.61 -9.68 1.53
N GLU A 209 0.32 -9.59 1.23
CA GLU A 209 -0.59 -8.88 2.11
C GLU A 209 -1.90 -9.64 2.24
N SER A 210 -2.42 -9.66 3.47
CA SER A 210 -3.76 -10.13 3.78
CA SER A 210 -3.77 -10.12 3.74
C SER A 210 -4.57 -8.95 4.33
N ALA A 211 -5.82 -8.87 3.93
CA ALA A 211 -6.69 -7.77 4.36
C ALA A 211 -8.12 -8.27 4.48
N VAL A 212 -8.72 -8.05 5.65
CA VAL A 212 -10.09 -8.48 5.96
C VAL A 212 -10.87 -7.36 6.64
N ALA A 213 -12.04 -7.06 6.07
CA ALA A 213 -12.91 -6.02 6.60
C ALA A 213 -13.85 -6.62 7.64
N ARG A 214 -14.20 -5.79 8.61
CA ARG A 214 -15.17 -6.16 9.62
C ARG A 214 -15.91 -4.95 10.15
N ASN A 215 -17.11 -5.22 10.61
CA ASN A 215 -17.97 -4.19 11.14
C ASN A 215 -17.60 -3.75 12.52
CU CU B . 13.96 -5.29 3.80
CU CU C . -17.18 -12.47 -14.49
#